data_6G2Y
#
_entry.id   6G2Y
#
_cell.length_a   94.502
_cell.length_b   94.502
_cell.length_c   66.266
_cell.angle_alpha   90.00
_cell.angle_beta   90.00
_cell.angle_gamma   120.00
#
_symmetry.space_group_name_H-M   'P 61'
#
loop_
_entity.id
_entity.type
_entity.pdbx_description
1 polymer 'Transitional endoplasmic reticulum ATPase'
2 non-polymer (4S)-2-METHYL-2,4-PENTANEDIOL
3 non-polymer 'DIMETHYL SULFOXIDE'
4 non-polymer "ADENOSINE-5'-DIPHOSPHATE"
5 non-polymer 'SODIUM ION'
6 non-polymer [3,4-bis(fluoranyl)phenyl]-(4-methylpiperazin-1-yl)methanone
7 water water
#
_entity_poly.entity_id   1
_entity_poly.type   'polypeptide(L)'
_entity_poly.pdbx_seq_one_letter_code
;SALRETVVEVPQVTWEDIGGLEDVKRELQELVQYPVEHPDKFLKFGMTPSKGVLFYGPPGCGKTLLAKAIANECQANFIS
IKGPELLTMWFGESEANVREIFDKARQAAPCVLFFDELDSIAKARGGNIGDGGGAADRVINQILTEMDGMSTKKNVFIIG
ATNRPDIIDPAILRPGRLDQLIYIPLPDEKSRVAILKANLRKSPVAKDVDLEFLAKMTNGFSGADLTEICQRACKLAIRE
SIESEIRRERERQTNPSAMEVEEDDPVPEIRRDHFEEAMRFARRSVSDNDIRKYEMFAQTLQQ
;
_entity_poly.pdbx_strand_id   A
#
loop_
_chem_comp.id
_chem_comp.type
_chem_comp.name
_chem_comp.formula
ADP non-polymer ADENOSINE-5'-DIPHOSPHATE 'C10 H15 N5 O10 P2'
DMS non-polymer 'DIMETHYL SULFOXIDE' 'C2 H6 O S'
ELQ non-polymer [3,4-bis(fluoranyl)phenyl]-(4-methylpiperazin-1-yl)methanone 'C12 H14 F2 N2 O'
MPD non-polymer (4S)-2-METHYL-2,4-PENTANEDIOL 'C6 H14 O2'
NA non-polymer 'SODIUM ION' 'Na 1'
#
# COMPACT_ATOMS: atom_id res chain seq x y z
N VAL A 7 -7.37 15.94 -5.15
CA VAL A 7 -6.39 16.82 -4.52
C VAL A 7 -5.00 16.18 -4.53
N VAL A 8 -3.98 17.01 -4.71
CA VAL A 8 -2.58 16.59 -4.74
C VAL A 8 -1.88 17.17 -3.51
N GLU A 9 -1.18 16.30 -2.77
CA GLU A 9 -0.57 16.70 -1.51
C GLU A 9 0.55 15.72 -1.18
N VAL A 10 1.36 16.06 -0.18
CA VAL A 10 2.30 15.11 0.44
C VAL A 10 1.53 14.23 1.42
N PRO A 11 1.57 12.91 1.29
CA PRO A 11 0.82 12.05 2.22
C PRO A 11 1.41 12.08 3.63
N GLN A 12 0.56 11.78 4.61
CA GLN A 12 1.01 11.75 5.99
C GLN A 12 1.34 10.33 6.48
N VAL A 13 1.13 9.31 5.63
CA VAL A 13 1.49 7.93 5.96
C VAL A 13 3.01 7.80 5.96
N THR A 14 3.58 7.22 7.03
CA THR A 14 5.01 6.92 7.12
C THR A 14 5.28 5.42 7.17
N TRP A 15 6.58 5.05 7.11
CA TRP A 15 6.96 3.64 7.25
C TRP A 15 6.46 3.07 8.57
N GLU A 16 6.34 3.92 9.59
CA GLU A 16 5.91 3.45 10.90
C GLU A 16 4.46 3.01 10.89
N ASP A 17 3.64 3.53 10.00
CA ASP A 17 2.25 3.10 9.95
C ASP A 17 2.07 1.73 9.29
N ILE A 18 3.15 1.08 8.83
CA ILE A 18 3.06 -0.13 8.00
C ILE A 18 3.68 -1.29 8.77
N GLY A 19 2.85 -2.27 9.16
CA GLY A 19 3.36 -3.46 9.86
C GLY A 19 3.89 -4.52 8.91
N GLY A 20 5.03 -5.12 9.30
CA GLY A 20 5.69 -6.15 8.52
C GLY A 20 6.40 -5.55 7.32
N LEU A 21 6.67 -6.41 6.32
CA LEU A 21 7.25 -5.96 5.05
C LEU A 21 8.61 -5.26 5.27
N GLU A 22 9.33 -5.60 6.35
CA GLU A 22 10.54 -4.87 6.69
C GLU A 22 11.59 -4.96 5.58
N ASP A 23 11.67 -6.10 4.89
CA ASP A 23 12.59 -6.25 3.76
C ASP A 23 12.24 -5.31 2.64
N VAL A 24 10.97 -5.33 2.21
CA VAL A 24 10.51 -4.46 1.13
C VAL A 24 10.79 -3.00 1.47
N LYS A 25 10.61 -2.63 2.74
CA LYS A 25 10.83 -1.25 3.15
C LYS A 25 12.27 -0.80 3.00
N ARG A 26 13.24 -1.62 3.45
CA ARG A 26 14.63 -1.20 3.27
C ARG A 26 14.99 -1.11 1.79
N GLU A 27 14.49 -2.03 0.96
CA GLU A 27 14.77 -1.95 -0.47
C GLU A 27 14.17 -0.70 -1.10
N LEU A 28 13.02 -0.24 -0.62
CA LEU A 28 12.41 0.95 -1.19
C LEU A 28 13.10 2.22 -0.71
N GLN A 29 13.48 2.26 0.57
CA GLN A 29 14.22 3.42 1.09
C GLN A 29 15.52 3.62 0.34
N GLU A 30 16.30 2.55 0.17
CA GLU A 30 17.56 2.66 -0.57
C GLU A 30 17.29 3.10 -2.00
N LEU A 31 16.23 2.58 -2.60
CA LEU A 31 15.92 2.92 -3.98
C LEU A 31 15.67 4.40 -4.17
N VAL A 32 15.20 5.09 -3.14
CA VAL A 32 14.99 6.53 -3.23
C VAL A 32 16.00 7.34 -2.45
N GLN A 33 16.67 6.77 -1.44
CA GLN A 33 17.65 7.52 -0.68
C GLN A 33 19.02 7.55 -1.34
N TYR A 34 19.39 6.49 -2.04
CA TYR A 34 20.72 6.40 -2.64
C TYR A 34 20.99 7.48 -3.69
N PRO A 35 20.06 7.85 -4.58
CA PRO A 35 20.38 8.95 -5.51
C PRO A 35 20.72 10.26 -4.82
N VAL A 36 20.13 10.55 -3.66
CA VAL A 36 20.35 11.83 -3.00
C VAL A 36 21.37 11.75 -1.87
N GLU A 37 21.61 10.56 -1.29
CA GLU A 37 22.55 10.42 -0.20
C GLU A 37 23.98 10.18 -0.67
N HIS A 38 24.15 9.49 -1.80
CA HIS A 38 25.47 9.26 -2.38
C HIS A 38 25.50 9.80 -3.80
N PRO A 39 25.28 11.12 -3.98
CA PRO A 39 25.25 11.66 -5.34
C PRO A 39 26.58 11.55 -6.06
N ASP A 40 27.70 11.61 -5.33
CA ASP A 40 29.02 11.55 -5.95
C ASP A 40 29.37 10.13 -6.41
N LYS A 41 28.82 9.09 -5.76
CA LYS A 41 29.07 7.73 -6.23
C LYS A 41 28.16 7.36 -7.39
N PHE A 42 26.91 7.83 -7.41
CA PHE A 42 26.05 7.62 -8.55
C PHE A 42 26.63 8.24 -9.82
N LEU A 43 27.49 9.25 -9.66
CA LEU A 43 28.11 9.88 -10.81
C LEU A 43 29.31 9.07 -11.31
N LYS A 44 30.10 8.52 -10.38
CA LYS A 44 31.38 7.93 -10.76
C LYS A 44 31.19 6.73 -11.67
N PHE A 45 30.13 5.96 -11.43
CA PHE A 45 29.90 4.71 -12.12
C PHE A 45 28.79 4.81 -13.16
N GLY A 46 28.22 6.00 -13.35
CA GLY A 46 27.21 6.24 -14.36
C GLY A 46 25.92 5.45 -14.18
N MET A 47 25.28 5.60 -13.03
CA MET A 47 24.01 4.96 -12.76
C MET A 47 22.89 6.01 -12.80
N THR A 48 21.72 5.60 -13.32
CA THR A 48 20.49 6.39 -13.41
C THR A 48 19.52 5.99 -12.30
N PRO A 49 18.89 6.94 -11.61
CA PRO A 49 17.88 6.57 -10.62
C PRO A 49 16.70 5.86 -11.28
N SER A 50 15.96 5.11 -10.46
CA SER A 50 14.88 4.28 -10.96
C SER A 50 13.67 5.12 -11.37
N LYS A 51 12.91 4.61 -12.35
CA LYS A 51 11.70 5.29 -12.78
C LYS A 51 10.42 4.69 -12.23
N GLY A 52 10.46 3.49 -11.67
CA GLY A 52 9.24 2.95 -11.12
C GLY A 52 9.39 1.52 -10.65
N VAL A 53 8.33 1.03 -9.99
CA VAL A 53 8.20 -0.36 -9.55
C VAL A 53 6.75 -0.78 -9.73
N LEU A 54 6.53 -2.10 -9.69
CA LEU A 54 5.20 -2.68 -9.77
C LEU A 54 4.99 -3.60 -8.56
N PHE A 55 3.95 -3.33 -7.77
CA PHE A 55 3.59 -4.21 -6.67
C PHE A 55 2.54 -5.20 -7.14
N TYR A 56 2.56 -6.41 -6.57
CA TYR A 56 1.49 -7.37 -6.80
C TYR A 56 1.24 -8.20 -5.56
N GLY A 57 -0.02 -8.57 -5.36
CA GLY A 57 -0.38 -9.45 -4.28
C GLY A 57 -1.86 -9.38 -3.94
N PRO A 58 -2.26 -10.13 -2.90
CA PRO A 58 -3.67 -10.18 -2.53
C PRO A 58 -4.16 -8.82 -2.06
N PRO A 59 -5.46 -8.55 -2.17
CA PRO A 59 -5.97 -7.23 -1.82
C PRO A 59 -5.84 -6.93 -0.33
N GLY A 60 -5.58 -5.67 -0.03
CA GLY A 60 -5.61 -5.22 1.35
C GLY A 60 -4.38 -5.53 2.18
N CYS A 61 -3.21 -5.68 1.54
CA CYS A 61 -2.00 -6.03 2.27
C CYS A 61 -0.91 -4.96 2.26
N GLY A 62 -1.15 -3.79 1.68
CA GLY A 62 -0.27 -2.65 1.92
C GLY A 62 0.35 -1.99 0.71
N LYS A 63 -0.15 -2.29 -0.49
CA LYS A 63 0.47 -1.77 -1.70
C LYS A 63 0.23 -0.26 -1.81
N THR A 64 -0.99 0.19 -1.52
CA THR A 64 -1.25 1.63 -1.56
C THR A 64 -0.54 2.33 -0.40
N LEU A 65 -0.45 1.69 0.77
CA LEU A 65 0.29 2.32 1.86
C LEU A 65 1.75 2.53 1.49
N LEU A 66 2.39 1.54 0.86
CA LEU A 66 3.79 1.68 0.49
C LEU A 66 4.01 2.81 -0.51
N ALA A 67 3.09 2.96 -1.45
CA ALA A 67 3.23 4.02 -2.44
C ALA A 67 3.12 5.39 -1.78
N LYS A 68 2.21 5.54 -0.82
CA LYS A 68 2.11 6.81 -0.10
C LYS A 68 3.32 7.05 0.80
N ALA A 69 3.83 6.02 1.45
CA ALA A 69 4.99 6.21 2.33
C ALA A 69 6.24 6.56 1.54
N ILE A 70 6.35 6.08 0.30
CA ILE A 70 7.46 6.48 -0.56
C ILE A 70 7.40 7.97 -0.84
N ALA A 71 6.19 8.51 -1.07
CA ALA A 71 6.06 9.96 -1.29
C ALA A 71 6.35 10.76 -0.04
N ASN A 72 5.90 10.27 1.13
CA ASN A 72 6.22 10.95 2.38
C ASN A 72 7.73 10.92 2.64
N GLU A 73 8.43 9.85 2.23
CA GLU A 73 9.88 9.80 2.39
C GLU A 73 10.57 10.91 1.59
N CYS A 74 10.15 11.11 0.34
CA CYS A 74 10.75 12.06 -0.59
C CYS A 74 10.16 13.45 -0.49
N GLN A 75 9.29 13.70 0.48
CA GLN A 75 8.57 14.98 0.57
C GLN A 75 7.99 15.39 -0.78
N ALA A 76 7.28 14.45 -1.40
CA ALA A 76 6.78 14.60 -2.77
C ALA A 76 5.26 14.52 -2.78
N ASN A 77 4.66 15.17 -3.79
CA ASN A 77 3.23 15.06 -4.04
C ASN A 77 2.86 13.63 -4.46
N PHE A 78 1.59 13.26 -4.26
CA PHE A 78 1.05 11.93 -4.57
C PHE A 78 -0.21 12.11 -5.43
N ILE A 79 -0.21 11.50 -6.61
CA ILE A 79 -1.37 11.51 -7.51
C ILE A 79 -1.78 10.06 -7.74
N SER A 80 -3.04 9.75 -7.46
CA SER A 80 -3.58 8.40 -7.51
C SER A 80 -4.61 8.29 -8.61
N ILE A 81 -4.50 7.24 -9.42
CA ILE A 81 -5.37 7.04 -10.57
C ILE A 81 -5.76 5.58 -10.66
N LYS A 82 -7.06 5.32 -10.68
CA LYS A 82 -7.60 3.97 -10.69
C LYS A 82 -7.91 3.57 -12.13
N GLY A 83 -7.37 2.43 -12.56
CA GLY A 83 -7.47 1.94 -13.93
C GLY A 83 -8.79 2.11 -14.66
N PRO A 84 -9.91 1.68 -14.06
CA PRO A 84 -11.21 1.80 -14.74
C PRO A 84 -11.58 3.23 -15.12
N GLU A 85 -11.05 4.24 -14.46
CA GLU A 85 -11.47 5.62 -14.70
C GLU A 85 -10.70 6.28 -15.83
N LEU A 86 -9.83 5.55 -16.53
CA LEU A 86 -9.25 6.02 -17.78
C LEU A 86 -10.12 5.68 -18.98
N LEU A 87 -11.43 5.50 -18.77
CA LEU A 87 -12.34 5.02 -19.81
C LEU A 87 -13.45 6.05 -19.99
N THR A 88 -13.48 6.70 -21.16
CA THR A 88 -14.53 7.64 -21.54
C THR A 88 -15.28 7.15 -22.77
N SER A 94 -9.95 9.12 -26.45
CA SER A 94 -9.75 9.24 -25.01
C SER A 94 -8.38 8.71 -24.60
N GLU A 95 -7.40 8.82 -25.50
CA GLU A 95 -6.03 8.42 -25.21
C GLU A 95 -5.13 9.58 -24.83
N ALA A 96 -5.54 10.81 -25.14
CA ALA A 96 -4.90 11.97 -24.54
C ALA A 96 -5.18 12.08 -23.05
N ASN A 97 -6.11 11.27 -22.52
CA ASN A 97 -6.24 11.11 -21.08
C ASN A 97 -4.90 10.71 -20.46
N VAL A 98 -4.26 9.70 -21.02
CA VAL A 98 -2.94 9.27 -20.57
C VAL A 98 -1.95 10.43 -20.64
N ARG A 99 -2.14 11.36 -21.56
CA ARG A 99 -1.17 12.45 -21.72
C ARG A 99 -1.39 13.53 -20.66
N GLU A 100 -2.65 13.92 -20.40
CA GLU A 100 -2.90 14.96 -19.39
C GLU A 100 -2.35 14.58 -18.02
N ILE A 101 -2.56 13.32 -17.63
CA ILE A 101 -2.12 12.88 -16.30
C ILE A 101 -0.62 13.03 -16.17
N PHE A 102 0.13 12.65 -17.20
CA PHE A 102 1.58 12.77 -17.10
C PHE A 102 2.00 14.24 -17.04
N ASP A 103 1.29 15.13 -17.76
CA ASP A 103 1.52 16.56 -17.62
C ASP A 103 1.32 17.01 -16.18
N LYS A 104 0.18 16.68 -15.58
CA LYS A 104 -0.12 17.18 -14.25
C LYS A 104 0.85 16.64 -13.21
N ALA A 105 1.34 15.40 -13.42
CA ALA A 105 2.36 14.85 -12.52
C ALA A 105 3.68 15.55 -12.73
N ARG A 106 4.04 15.83 -13.99
CA ARG A 106 5.24 16.61 -14.26
C ARG A 106 5.11 18.02 -13.69
N GLN A 107 3.93 18.64 -13.83
CA GLN A 107 3.65 19.93 -13.21
C GLN A 107 3.89 19.89 -11.70
N ALA A 108 3.59 18.76 -11.07
CA ALA A 108 3.54 18.69 -9.62
C ALA A 108 4.83 18.19 -9.00
N ALA A 109 5.90 18.12 -9.78
CA ALA A 109 7.13 17.43 -9.36
C ALA A 109 7.79 18.16 -8.19
N PRO A 110 8.53 17.45 -7.33
CA PRO A 110 8.69 15.99 -7.27
C PRO A 110 7.38 15.32 -6.93
N CYS A 111 7.02 14.24 -7.65
CA CYS A 111 5.69 13.66 -7.58
C CYS A 111 5.77 12.14 -7.69
N VAL A 112 4.90 11.45 -6.93
CA VAL A 112 4.68 10.01 -7.09
C VAL A 112 3.36 9.80 -7.82
N LEU A 113 3.41 9.06 -8.93
CA LEU A 113 2.24 8.77 -9.77
C LEU A 113 1.86 7.28 -9.63
N PHE A 114 0.70 7.02 -9.05
CA PHE A 114 0.31 5.67 -8.64
C PHE A 114 -0.85 5.17 -9.48
N PHE A 115 -0.62 4.12 -10.27
CA PHE A 115 -1.65 3.51 -11.09
C PHE A 115 -2.21 2.29 -10.37
N ASP A 116 -3.42 2.43 -9.84
CA ASP A 116 -4.09 1.38 -9.11
C ASP A 116 -5.03 0.59 -10.02
N GLU A 117 -5.34 -0.64 -9.59
CA GLU A 117 -6.22 -1.54 -10.33
C GLU A 117 -5.81 -1.62 -11.80
N LEU A 118 -4.57 -2.02 -12.00
CA LEU A 118 -4.07 -2.22 -13.34
C LEU A 118 -4.40 -3.60 -13.87
N ASP A 119 -4.92 -4.48 -13.03
CA ASP A 119 -5.48 -5.74 -13.51
C ASP A 119 -6.71 -5.51 -14.38
N SER A 120 -7.50 -4.47 -14.09
CA SER A 120 -8.71 -4.22 -14.86
C SER A 120 -8.40 -3.86 -16.30
N ILE A 121 -7.29 -3.18 -16.56
CA ILE A 121 -6.94 -2.85 -17.94
C ILE A 121 -6.31 -4.03 -18.67
N ALA A 122 -5.55 -4.89 -17.96
CA ALA A 122 -5.06 -6.10 -18.61
C ALA A 122 -6.19 -7.02 -19.04
N LYS A 123 -7.43 -6.71 -18.63
CA LYS A 123 -8.64 -7.41 -19.04
C LYS A 123 -8.69 -8.80 -18.42
N ALA A 135 -8.24 -0.61 -28.73
CA ALA A 135 -9.04 0.19 -27.80
C ALA A 135 -8.29 0.43 -26.49
N ALA A 136 -8.69 -0.30 -25.46
CA ALA A 136 -7.86 -0.38 -24.25
C ALA A 136 -6.48 -0.94 -24.57
N ASP A 137 -6.31 -1.55 -25.74
CA ASP A 137 -5.03 -2.12 -26.11
C ASP A 137 -3.90 -1.10 -26.11
N ARG A 138 -4.21 0.19 -26.30
CA ARG A 138 -3.14 1.17 -26.34
C ARG A 138 -3.40 2.45 -25.55
N VAL A 139 -4.42 2.48 -24.69
CA VAL A 139 -4.22 3.21 -23.44
C VAL A 139 -2.94 2.70 -22.78
N ILE A 140 -2.73 1.39 -22.83
CA ILE A 140 -1.46 0.78 -22.42
C ILE A 140 -0.31 1.35 -23.25
N ASN A 141 -0.48 1.39 -24.57
CA ASN A 141 0.61 1.85 -25.43
C ASN A 141 0.87 3.34 -25.26
N GLN A 142 -0.17 4.13 -24.96
CA GLN A 142 0.08 5.53 -24.64
C GLN A 142 0.85 5.67 -23.34
N ILE A 143 0.67 4.74 -22.40
CA ILE A 143 1.40 4.79 -21.15
C ILE A 143 2.87 4.48 -21.39
N LEU A 144 3.16 3.44 -22.16
CA LEU A 144 4.54 3.08 -22.45
C LEU A 144 5.26 4.20 -23.18
N THR A 145 4.54 5.01 -23.96
CA THR A 145 5.18 6.08 -24.69
C THR A 145 5.46 7.29 -23.81
N GLU A 146 4.51 7.65 -22.93
CA GLU A 146 4.77 8.68 -21.94
C GLU A 146 5.97 8.33 -21.06
N MET A 147 6.12 7.04 -20.72
CA MET A 147 7.19 6.60 -19.83
C MET A 147 8.56 6.77 -20.47
N ASP A 148 8.69 6.38 -21.74
CA ASP A 148 10.00 6.48 -22.40
C ASP A 148 10.35 7.93 -22.69
N GLY A 149 9.34 8.78 -22.90
CA GLY A 149 9.54 10.20 -23.14
C GLY A 149 9.82 11.03 -21.91
N MET A 150 9.82 10.44 -20.72
CA MET A 150 10.02 11.16 -19.46
C MET A 150 11.28 10.66 -18.79
N SER A 151 12.33 11.46 -18.88
CA SER A 151 13.61 11.23 -18.24
C SER A 151 13.48 11.22 -16.71
N THR A 152 14.50 10.67 -16.07
CA THR A 152 14.57 10.73 -14.61
C THR A 152 14.79 12.15 -14.09
N LYS A 153 15.24 13.07 -14.95
CA LYS A 153 15.45 14.45 -14.52
C LYS A 153 14.15 15.17 -14.20
N LYS A 154 13.00 14.63 -14.62
CA LYS A 154 11.71 15.25 -14.37
C LYS A 154 11.19 15.05 -12.94
N ASN A 155 11.81 14.17 -12.16
CA ASN A 155 11.44 13.97 -10.75
C ASN A 155 10.01 13.42 -10.58
N VAL A 156 9.61 12.51 -11.45
CA VAL A 156 8.35 11.78 -11.31
C VAL A 156 8.67 10.29 -11.16
N PHE A 157 8.17 9.66 -10.10
CA PHE A 157 8.40 8.25 -9.79
C PHE A 157 7.08 7.52 -9.95
N ILE A 158 7.03 6.55 -10.86
CA ILE A 158 5.81 5.84 -11.22
C ILE A 158 5.69 4.55 -10.41
N ILE A 159 4.51 4.30 -9.83
CA ILE A 159 4.23 3.05 -9.13
C ILE A 159 2.94 2.46 -9.68
N GLY A 160 2.96 1.17 -10.01
CA GLY A 160 1.74 0.46 -10.36
C GLY A 160 1.44 -0.61 -9.33
N ALA A 161 0.20 -1.10 -9.26
CA ALA A 161 -0.19 -2.23 -8.43
C ALA A 161 -1.20 -3.10 -9.16
N THR A 162 -1.27 -4.39 -8.81
CA THR A 162 -2.20 -5.33 -9.42
C THR A 162 -2.43 -6.56 -8.53
N ASN A 163 -3.64 -7.11 -8.63
CA ASN A 163 -3.99 -8.40 -8.04
CA ASN A 163 -3.93 -8.41 -8.02
C ASN A 163 -3.94 -9.55 -9.05
N ARG A 164 -3.53 -9.27 -10.28
CA ARG A 164 -3.53 -10.27 -11.35
C ARG A 164 -2.15 -10.34 -11.99
N PRO A 165 -1.14 -10.76 -11.23
CA PRO A 165 0.22 -10.80 -11.79
C PRO A 165 0.37 -11.74 -12.99
N ASP A 166 -0.59 -12.64 -13.23
CA ASP A 166 -0.46 -13.59 -14.33
C ASP A 166 -0.60 -12.90 -15.68
N ILE A 167 -1.33 -11.78 -15.76
CA ILE A 167 -1.60 -11.11 -17.03
C ILE A 167 -0.85 -9.78 -17.13
N ILE A 168 0.34 -9.70 -16.55
CA ILE A 168 1.17 -8.52 -16.70
C ILE A 168 1.85 -8.56 -18.05
N ASP A 169 1.70 -7.50 -18.82
CA ASP A 169 2.44 -7.37 -20.07
C ASP A 169 3.92 -7.15 -19.78
N PRO A 170 4.80 -8.10 -20.12
CA PRO A 170 6.22 -7.94 -19.80
C PRO A 170 6.87 -6.72 -20.44
N ALA A 171 6.17 -6.02 -21.33
CA ALA A 171 6.73 -4.81 -21.93
C ALA A 171 6.96 -3.73 -20.88
N ILE A 172 6.06 -3.62 -19.90
CA ILE A 172 6.13 -2.54 -18.92
C ILE A 172 7.26 -2.79 -17.95
N LEU A 173 7.98 -3.89 -18.12
CA LEU A 173 9.06 -4.21 -17.20
C LEU A 173 10.43 -4.21 -17.86
N ARG A 174 10.51 -3.98 -19.17
CA ARG A 174 11.80 -3.93 -19.83
C ARG A 174 12.60 -2.74 -19.29
N PRO A 175 13.94 -2.84 -19.33
CA PRO A 175 14.77 -1.78 -18.72
C PRO A 175 14.50 -0.42 -19.34
N GLY A 176 14.45 0.60 -18.45
CA GLY A 176 13.99 1.91 -18.81
C GLY A 176 12.55 2.21 -18.41
N ARG A 177 11.81 1.20 -17.96
CA ARG A 177 10.46 1.39 -17.48
C ARG A 177 10.41 1.03 -16.00
N LEU A 178 9.41 0.26 -15.55
CA LEU A 178 9.34 -0.15 -14.14
C LEU A 178 10.44 -1.17 -13.84
N ASP A 179 11.34 -0.80 -12.92
CA ASP A 179 12.63 -1.47 -12.71
C ASP A 179 12.58 -2.69 -11.80
N GLN A 180 11.47 -2.92 -11.10
CA GLN A 180 11.35 -4.05 -10.19
C GLN A 180 9.89 -4.41 -10.05
N LEU A 181 9.62 -5.72 -9.99
CA LEU A 181 8.33 -6.29 -9.63
C LEU A 181 8.45 -6.90 -8.23
N ILE A 182 7.56 -6.53 -7.31
CA ILE A 182 7.74 -6.78 -5.88
C ILE A 182 6.48 -7.44 -5.31
N TYR A 183 6.68 -8.56 -4.60
CA TYR A 183 5.60 -9.32 -3.97
C TYR A 183 5.26 -8.69 -2.63
N ILE A 184 3.97 -8.42 -2.40
CA ILE A 184 3.45 -7.96 -1.11
C ILE A 184 2.50 -9.04 -0.59
N PRO A 185 2.93 -9.97 0.26
CA PRO A 185 2.08 -11.12 0.60
C PRO A 185 1.17 -10.83 1.80
N LEU A 186 0.19 -11.71 1.99
CA LEU A 186 -0.59 -11.81 3.23
C LEU A 186 0.35 -11.80 4.42
N PRO A 187 -0.02 -11.18 5.55
CA PRO A 187 0.89 -11.17 6.70
C PRO A 187 0.98 -12.53 7.38
N ASP A 188 2.20 -12.89 7.78
CA ASP A 188 2.44 -14.02 8.66
C ASP A 188 2.20 -13.58 10.10
N GLU A 189 2.43 -14.48 11.05
CA GLU A 189 2.01 -14.23 12.42
C GLU A 189 2.74 -13.03 13.04
N LYS A 190 4.05 -12.92 12.82
CA LYS A 190 4.78 -11.80 13.35
C LYS A 190 4.36 -10.50 12.67
N SER A 191 4.00 -10.56 11.40
CA SER A 191 3.55 -9.35 10.70
C SER A 191 2.16 -8.91 11.14
N ARG A 192 1.34 -9.85 11.59
CA ARG A 192 0.01 -9.51 12.11
C ARG A 192 0.09 -8.78 13.44
N VAL A 193 0.97 -9.24 14.35
CA VAL A 193 1.25 -8.48 15.58
C VAL A 193 1.67 -7.04 15.22
N ALA A 194 2.55 -6.88 14.23
CA ALA A 194 3.00 -5.54 13.87
C ALA A 194 1.88 -4.71 13.24
N ILE A 195 1.00 -5.35 12.45
CA ILE A 195 -0.08 -4.57 11.84
C ILE A 195 -1.03 -4.06 12.90
N LEU A 196 -1.33 -4.93 13.87
CA LEU A 196 -2.21 -4.57 14.99
C LEU A 196 -1.62 -3.45 15.83
N LYS A 197 -0.33 -3.53 16.15
CA LYS A 197 0.31 -2.50 16.95
C LYS A 197 0.39 -1.17 16.19
N ALA A 198 0.74 -1.21 14.91
CA ALA A 198 0.82 0.03 14.15
C ALA A 198 -0.53 0.72 14.07
N ASN A 199 -1.60 -0.05 13.89
CA ASN A 199 -2.94 0.54 13.85
C ASN A 199 -3.35 1.14 15.19
N LEU A 200 -2.89 0.59 16.31
CA LEU A 200 -3.32 1.01 17.64
C LEU A 200 -2.29 1.90 18.34
N ARG A 201 -1.32 2.42 17.58
CA ARG A 201 -0.13 3.05 18.14
C ARG A 201 -0.46 4.31 18.94
N LYS A 202 -1.56 4.98 18.60
CA LYS A 202 -1.96 6.23 19.26
C LYS A 202 -3.36 6.11 19.86
N SER A 203 -3.75 4.88 20.27
CA SER A 203 -5.04 4.57 20.87
C SER A 203 -4.87 4.08 22.30
N PRO A 204 -5.86 4.29 23.17
CA PRO A 204 -5.71 3.87 24.57
C PRO A 204 -6.22 2.45 24.77
N VAL A 205 -5.29 1.51 24.81
CA VAL A 205 -5.61 0.10 24.85
C VAL A 205 -5.35 -0.41 26.26
N ALA A 206 -6.27 -1.23 26.76
CA ALA A 206 -6.15 -1.76 28.11
C ALA A 206 -5.05 -2.82 28.18
N LYS A 207 -4.52 -2.98 29.38
CA LYS A 207 -3.42 -3.92 29.56
C LYS A 207 -3.86 -5.38 29.45
N ASP A 208 -5.16 -5.66 29.53
CA ASP A 208 -5.62 -7.04 29.46
C ASP A 208 -5.79 -7.53 28.01
N VAL A 209 -5.37 -6.75 26.99
CA VAL A 209 -5.49 -7.24 25.62
C VAL A 209 -4.14 -7.78 25.19
N ASP A 210 -4.17 -8.95 24.53
CA ASP A 210 -2.98 -9.71 24.14
C ASP A 210 -3.01 -9.77 22.62
N LEU A 211 -2.26 -8.87 21.97
CA LEU A 211 -2.27 -8.84 20.51
C LEU A 211 -1.53 -10.04 19.92
N GLU A 212 -0.59 -10.64 20.66
CA GLU A 212 0.06 -11.86 20.20
C GLU A 212 -0.93 -13.03 20.13
N PHE A 213 -1.88 -13.09 21.05
CA PHE A 213 -2.91 -14.13 20.94
C PHE A 213 -3.89 -13.79 19.82
N LEU A 214 -4.20 -12.50 19.64
CA LEU A 214 -5.06 -12.12 18.53
C LEU A 214 -4.42 -12.50 17.20
N ALA A 215 -3.13 -12.23 17.04
CA ALA A 215 -2.47 -12.62 15.79
C ALA A 215 -2.54 -14.13 15.58
N LYS A 216 -2.45 -14.93 16.64
CA LYS A 216 -2.53 -16.38 16.48
C LYS A 216 -3.90 -16.82 15.96
N MET A 217 -4.96 -16.16 16.40
CA MET A 217 -6.30 -16.57 15.99
C MET A 217 -6.72 -16.04 14.63
N THR A 218 -5.85 -15.33 13.91
CA THR A 218 -6.26 -14.70 12.65
C THR A 218 -5.37 -15.14 11.49
N ASN A 219 -5.02 -16.42 11.42
CA ASN A 219 -4.27 -16.90 10.27
C ASN A 219 -5.11 -16.75 9.00
N GLY A 220 -4.51 -16.20 7.95
CA GLY A 220 -5.22 -15.95 6.70
C GLY A 220 -5.82 -14.56 6.57
N PHE A 221 -5.95 -13.81 7.67
CA PHE A 221 -6.49 -12.45 7.60
C PHE A 221 -5.51 -11.53 6.89
N SER A 222 -6.06 -10.62 6.08
CA SER A 222 -5.30 -9.52 5.48
C SER A 222 -5.10 -8.36 6.45
N GLY A 223 -4.25 -7.41 6.06
CA GLY A 223 -4.08 -6.21 6.86
C GLY A 223 -5.37 -5.41 6.98
N ALA A 224 -6.13 -5.35 5.88
CA ALA A 224 -7.44 -4.69 5.96
C ALA A 224 -8.39 -5.43 6.90
N ASP A 225 -8.39 -6.79 6.88
CA ASP A 225 -9.25 -7.51 7.81
C ASP A 225 -8.87 -7.21 9.25
N LEU A 226 -7.57 -7.13 9.53
CA LEU A 226 -7.13 -6.81 10.89
C LEU A 226 -7.54 -5.40 11.28
N THR A 227 -7.44 -4.44 10.35
CA THR A 227 -7.79 -3.05 10.67
C THR A 227 -9.27 -2.92 11.05
N GLU A 228 -10.15 -3.64 10.36
CA GLU A 228 -11.58 -3.57 10.68
C GLU A 228 -11.87 -4.04 12.10
N ILE A 229 -11.22 -5.12 12.55
CA ILE A 229 -11.39 -5.52 13.94
C ILE A 229 -11.01 -4.37 14.86
N CYS A 230 -9.87 -3.73 14.59
CA CYS A 230 -9.46 -2.60 15.41
C CYS A 230 -10.48 -1.46 15.36
N GLN A 231 -11.08 -1.23 14.19
CA GLN A 231 -12.06 -0.16 14.05
C GLN A 231 -13.33 -0.43 14.85
N ARG A 232 -13.84 -1.66 14.79
CA ARG A 232 -15.04 -2.02 15.54
C ARG A 232 -14.80 -1.96 17.03
N ALA A 233 -13.66 -2.46 17.50
CA ALA A 233 -13.42 -2.50 18.94
C ALA A 233 -13.42 -1.08 19.50
N CYS A 234 -12.88 -0.13 18.72
CA CYS A 234 -12.81 1.27 19.12
C CYS A 234 -14.19 1.90 19.15
N LYS A 235 -14.98 1.67 18.10
CA LYS A 235 -16.37 2.15 18.09
C LYS A 235 -17.14 1.64 19.31
N LEU A 236 -16.91 0.38 19.68
CA LEU A 236 -17.64 -0.20 20.81
C LEU A 236 -17.31 0.50 22.12
N ALA A 237 -16.04 0.78 22.37
CA ALA A 237 -15.66 1.49 23.58
C ALA A 237 -16.14 2.94 23.58
N ILE A 238 -16.16 3.60 22.41
CA ILE A 238 -16.61 5.00 22.37
C ILE A 238 -18.11 5.07 22.61
N ARG A 239 -18.89 4.25 21.89
CA ARG A 239 -20.32 4.13 22.15
C ARG A 239 -20.62 3.80 23.61
N GLU A 240 -19.83 2.90 24.21
CA GLU A 240 -20.04 2.57 25.62
C GLU A 240 -19.73 3.77 26.51
N SER A 241 -18.69 4.53 26.18
CA SER A 241 -18.38 5.76 26.89
C SER A 241 -19.56 6.73 26.84
N ILE A 242 -20.13 6.91 25.64
CA ILE A 242 -21.29 7.79 25.46
C ILE A 242 -22.40 7.37 26.41
N GLU A 243 -22.78 6.09 26.36
CA GLU A 243 -23.96 5.63 27.07
C GLU A 243 -23.78 5.69 28.58
N SER A 244 -22.57 5.43 29.07
CA SER A 244 -22.36 5.43 30.52
C SER A 244 -22.38 6.85 31.09
N GLU A 245 -21.81 7.84 30.39
CA GLU A 245 -21.87 9.21 30.90
C GLU A 245 -23.30 9.75 30.84
N ILE A 246 -24.06 9.34 29.83
CA ILE A 246 -25.47 9.73 29.72
C ILE A 246 -26.25 9.30 30.96
N ARG A 247 -25.93 8.13 31.51
CA ARG A 247 -26.67 7.67 32.67
C ARG A 247 -26.09 8.17 33.99
N ARG A 248 -24.76 8.30 34.10
CA ARG A 248 -24.19 8.94 35.28
C ARG A 248 -24.61 10.41 35.36
N GLU A 249 -24.98 11.01 34.23
CA GLU A 249 -25.73 12.26 34.20
C GLU A 249 -27.02 12.20 35.01
N ARG A 250 -27.52 11.02 35.35
CA ARG A 250 -28.77 10.94 36.12
C ARG A 250 -28.52 11.09 37.63
N GLU A 251 -27.34 10.73 38.13
CA GLU A 251 -27.00 10.97 39.54
C GLU A 251 -28.05 10.42 40.53
N PRO A 266 -9.96 11.19 32.75
CA PRO A 266 -9.91 9.71 32.82
C PRO A 266 -10.21 9.04 31.47
N VAL A 267 -9.23 9.05 30.57
CA VAL A 267 -9.37 8.56 29.19
C VAL A 267 -9.80 7.08 29.19
N PRO A 268 -10.96 6.74 28.63
CA PRO A 268 -11.38 5.34 28.61
C PRO A 268 -10.52 4.49 27.69
N GLU A 269 -10.53 3.19 27.95
CA GLU A 269 -9.66 2.24 27.24
C GLU A 269 -10.47 1.31 26.36
N ILE A 270 -9.83 0.80 25.32
CA ILE A 270 -10.39 -0.30 24.54
C ILE A 270 -9.96 -1.60 25.22
N ARG A 271 -10.94 -2.38 25.70
CA ARG A 271 -10.69 -3.52 26.57
C ARG A 271 -10.75 -4.84 25.83
N ARG A 272 -10.37 -5.92 26.55
CA ARG A 272 -10.43 -7.25 25.95
C ARG A 272 -11.83 -7.57 25.47
N ASP A 273 -12.86 -7.19 26.24
CA ASP A 273 -14.20 -7.59 25.85
C ASP A 273 -14.68 -6.83 24.62
N HIS A 274 -14.17 -5.62 24.35
CA HIS A 274 -14.50 -4.95 23.10
C HIS A 274 -13.94 -5.72 21.90
N PHE A 275 -12.69 -6.19 22.02
CA PHE A 275 -12.10 -7.02 20.98
C PHE A 275 -12.82 -8.38 20.87
N GLU A 276 -13.22 -8.98 21.99
CA GLU A 276 -13.99 -10.23 21.92
C GLU A 276 -15.25 -10.04 21.07
N GLU A 277 -15.93 -8.91 21.25
CA GLU A 277 -17.19 -8.71 20.52
C GLU A 277 -16.93 -8.31 19.07
N ALA A 278 -15.82 -7.63 18.80
CA ALA A 278 -15.49 -7.29 17.42
C ALA A 278 -15.17 -8.53 16.58
N MET A 279 -14.63 -9.58 17.20
CA MET A 279 -14.25 -10.78 16.48
C MET A 279 -15.45 -11.56 15.94
N ARG A 280 -16.66 -11.34 16.45
CA ARG A 280 -17.82 -12.06 15.93
C ARG A 280 -18.04 -11.75 14.45
N PHE A 281 -17.83 -10.50 14.04
CA PHE A 281 -17.98 -10.15 12.62
C PHE A 281 -16.61 -10.05 11.95
N ALA A 282 -15.83 -11.12 12.05
CA ALA A 282 -14.49 -11.15 11.46
C ALA A 282 -14.30 -12.45 10.71
N ARG A 283 -14.10 -12.35 9.40
CA ARG A 283 -13.64 -13.50 8.65
C ARG A 283 -12.78 -13.02 7.49
N ARG A 284 -11.94 -13.92 7.01
CA ARG A 284 -11.02 -13.64 5.92
C ARG A 284 -11.76 -13.18 4.68
N SER A 285 -11.08 -12.31 3.91
CA SER A 285 -11.57 -11.82 2.64
C SER A 285 -10.85 -12.43 1.45
N VAL A 286 -9.76 -13.17 1.66
CA VAL A 286 -9.03 -13.81 0.57
C VAL A 286 -9.16 -15.31 0.77
N SER A 287 -9.45 -16.03 -0.33
CA SER A 287 -9.72 -17.46 -0.28
C SER A 287 -8.43 -18.27 -0.27
N ASP A 288 -8.51 -19.47 0.30
CA ASP A 288 -7.39 -20.41 0.24
C ASP A 288 -6.95 -20.67 -1.20
N ASN A 289 -7.90 -20.66 -2.14
CA ASN A 289 -7.56 -20.91 -3.53
C ASN A 289 -6.75 -19.76 -4.14
N ASP A 290 -7.11 -18.52 -3.84
CA ASP A 290 -6.34 -17.39 -4.38
C ASP A 290 -4.94 -17.34 -3.77
N ILE A 291 -4.83 -17.68 -2.48
CA ILE A 291 -3.52 -17.67 -1.80
C ILE A 291 -2.55 -18.63 -2.50
N ARG A 292 -3.02 -19.85 -2.79
CA ARG A 292 -2.22 -20.83 -3.52
C ARG A 292 -1.73 -20.25 -4.84
N LYS A 293 -2.64 -19.67 -5.63
CA LYS A 293 -2.24 -19.05 -6.90
C LYS A 293 -1.16 -18.00 -6.68
N TYR A 294 -1.33 -17.11 -5.68
CA TYR A 294 -0.30 -16.10 -5.41
C TYR A 294 1.01 -16.76 -5.03
N GLU A 295 0.96 -17.80 -4.19
CA GLU A 295 2.20 -18.41 -3.71
C GLU A 295 2.88 -19.21 -4.81
N MET A 296 2.12 -19.90 -5.66
CA MET A 296 2.74 -20.51 -6.82
C MET A 296 3.45 -19.46 -7.69
N PHE A 297 2.77 -18.36 -8.01
CA PHE A 297 3.37 -17.38 -8.91
C PHE A 297 4.69 -16.86 -8.35
N ALA A 298 4.71 -16.52 -7.06
CA ALA A 298 5.92 -15.95 -6.47
C ALA A 298 7.00 -16.99 -6.23
N GLN A 299 6.62 -18.24 -5.88
CA GLN A 299 7.65 -19.25 -5.62
C GLN A 299 8.35 -19.65 -6.91
N THR A 300 7.65 -19.62 -8.05
CA THR A 300 8.31 -20.02 -9.28
C THR A 300 9.28 -18.96 -9.76
N LEU A 301 9.05 -17.69 -9.39
CA LEU A 301 10.07 -16.66 -9.57
C LEU A 301 11.22 -16.78 -8.58
N GLN A 302 11.19 -17.81 -7.72
CA GLN A 302 12.21 -18.05 -6.69
C GLN A 302 12.61 -16.79 -5.94
C1 MPD B . -10.70 5.44 22.69
C2 MPD B . -11.59 6.41 23.46
O2 MPD B . -12.85 5.73 23.72
CM MPD B . -10.98 6.81 24.80
C3 MPD B . -11.84 7.72 22.70
C4 MPD B . -10.73 8.13 21.72
O4 MPD B . -11.26 9.16 20.89
C5 MPD B . -9.45 8.66 22.39
C1 MPD C . -1.03 -6.00 -15.94
C2 MPD C . -0.50 -4.58 -15.87
O2 MPD C . -1.62 -3.69 -15.67
CM MPD C . 0.36 -4.49 -14.62
C3 MPD C . 0.31 -4.16 -17.11
C4 MPD C . -0.31 -4.36 -18.49
O4 MPD C . -0.25 -5.72 -18.86
C5 MPD C . -1.74 -3.86 -18.66
C1 MPD D . -7.15 -10.83 24.04
C2 MPD D . -7.93 -10.66 22.73
O2 MPD D . -9.33 -10.45 23.03
CM MPD D . -7.40 -9.43 22.03
C3 MPD D . -7.87 -11.91 21.85
C4 MPD D . -9.23 -12.51 21.47
O4 MPD D . -9.11 -13.21 20.24
C5 MPD D . -9.73 -13.51 22.50
C1 MPD E . 10.20 11.65 -6.81
C2 MPD E . 11.72 11.60 -6.82
O2 MPD E . 12.14 10.51 -5.96
CM MPD E . 12.19 11.30 -8.24
C3 MPD E . 12.30 12.95 -6.36
C4 MPD E . 13.24 12.97 -5.14
O4 MPD E . 14.50 13.47 -5.55
C5 MPD E . 12.74 13.89 -4.02
S DMS F . 24.20 -1.30 -22.36
O DMS F . 25.04 -2.54 -22.50
C1 DMS F . 25.25 0.11 -21.93
C2 DMS F . 23.58 -0.77 -24.00
S DMS G . -0.26 -17.55 5.39
O DMS G . -1.53 -17.34 6.16
C1 DMS G . 1.01 -16.47 6.10
C2 DMS G . 0.42 -19.18 5.86
PB ADP H . -3.84 -2.79 -1.25
O1B ADP H . -2.73 -3.79 -1.08
O2B ADP H . -3.33 -1.43 -1.72
O3B ADP H . -5.05 -3.36 -1.91
PA ADP H . -4.07 -1.01 0.97
O1A ADP H . -2.58 -0.79 1.01
O2A ADP H . -4.94 0.08 0.39
O3A ADP H . -4.33 -2.44 0.27
O5' ADP H . -4.53 -1.30 2.50
C5' ADP H . -5.89 -1.21 2.91
C4' ADP H . -5.98 -0.89 4.40
O4' ADP H . -5.68 -2.06 5.17
C3' ADP H . -4.99 0.16 4.88
O3' ADP H . -5.50 1.49 4.74
C2' ADP H . -4.77 -0.23 6.32
O2' ADP H . -5.85 0.16 7.17
C1' ADP H . -4.85 -1.74 6.29
N9 ADP H . -3.52 -2.34 6.02
C8 ADP H . -3.24 -3.11 4.95
N7 ADP H . -1.95 -3.53 5.00
C5 ADP H . -1.40 -3.04 6.13
C6 ADP H . -0.07 -3.08 6.76
N6 ADP H . 0.94 -3.80 6.19
N1 ADP H . 0.10 -2.40 7.91
C2 ADP H . -0.90 -1.69 8.50
N3 ADP H . -2.14 -1.61 7.96
C4 ADP H . -2.44 -2.25 6.81
NA NA I . -5.30 -5.35 -4.26
C10 ELQ J . -5.68 -14.99 -9.53
C13 ELQ J . -3.07 -15.04 -8.54
C15 ELQ J . -4.60 -15.02 -10.38
C01 ELQ J . -10.12 -11.55 -8.64
C03 ELQ J . -10.56 -13.89 -8.96
C04 ELQ J . -9.50 -13.96 -10.08
C06 ELQ J . -7.89 -13.06 -8.50
C07 ELQ J . -8.96 -13.17 -7.41
C08 ELQ J . -7.10 -14.97 -10.10
C11 ELQ J . -5.44 -14.97 -8.17
C12 ELQ J . -4.15 -14.99 -7.68
C14 ELQ J . -3.30 -15.06 -9.89
F16 ELQ J . -2.25 -15.08 -10.76
F17 ELQ J . -1.77 -15.06 -8.07
N02 ELQ J . -10.24 -12.87 -7.98
N05 ELQ J . -8.13 -14.05 -9.58
O09 ELQ J . -7.39 -15.71 -10.97
#